data_1V82
#
_entry.id   1V82
#
_cell.length_a   62.111
_cell.length_b   85.969
_cell.length_c   122.425
_cell.angle_alpha   90.00
_cell.angle_beta   90.00
_cell.angle_gamma   90.00
#
_symmetry.space_group_name_H-M   'P 21 21 21'
#
loop_
_entity.id
_entity.type
_entity.pdbx_description
1 polymer 'Galactosylgalactosylxylosylprotein 3-beta-glucuronosyltransferase 1'
2 non-polymer 'L(+)-TARTARIC ACID'
3 water water
#
_entity_poly.entity_id   1
_entity_poly.type   'polypeptide(L)'
_entity_poly.pdbx_seq_one_letter_code
;ALPTIHVVTPTYSRPVQKAELTRMANTLLHVPNLHWLVVEDAPRRTPLTARLLRDTGLNYTHLHVETPRNYKLRGDARDP
RIPRGTMQRNLALRWLRETFPRNSSQPGVVYFADDDNTYSLELFEEMRSTRRVSVWPVAFVGGLRYEAPRVNGAGKVVRW
KTVFDPHRPFAIDMAGFAVNLRLILQRSQAYFKLRGVKGGYQESSLLRELVTLNDLEPKAANCTKILVWHTRTEKPVLVN
EGKKGFTDPSVEI
;
_entity_poly.pdbx_strand_id   A,B
#
# COMPACT_ATOMS: atom_id res chain seq x y z
N LEU A 2 -10.40 5.68 -25.28
CA LEU A 2 -9.74 5.14 -24.05
C LEU A 2 -10.73 4.27 -23.28
N PRO A 3 -10.63 2.94 -23.43
CA PRO A 3 -11.53 2.00 -22.75
C PRO A 3 -11.60 2.22 -21.24
N THR A 4 -12.79 2.05 -20.68
CA THR A 4 -12.96 2.20 -19.24
C THR A 4 -12.51 0.92 -18.55
N ILE A 5 -11.80 1.07 -17.43
CA ILE A 5 -11.37 -0.09 -16.67
C ILE A 5 -12.25 -0.20 -15.44
N HIS A 6 -13.01 -1.28 -15.35
CA HIS A 6 -13.88 -1.52 -14.22
C HIS A 6 -13.12 -2.38 -13.21
N VAL A 7 -12.63 -1.74 -12.16
CA VAL A 7 -11.87 -2.43 -11.14
C VAL A 7 -12.82 -2.91 -10.05
N VAL A 8 -12.95 -4.24 -9.94
CA VAL A 8 -13.83 -4.84 -8.96
C VAL A 8 -13.04 -5.18 -7.72
N THR A 9 -13.40 -4.53 -6.62
CA THR A 9 -12.68 -4.73 -5.38
C THR A 9 -13.55 -5.18 -4.22
N PRO A 10 -13.49 -6.47 -3.88
CA PRO A 10 -14.30 -6.94 -2.76
C PRO A 10 -13.56 -6.43 -1.52
N THR A 11 -14.30 -6.14 -0.45
CA THR A 11 -13.66 -5.66 0.76
C THR A 11 -14.52 -6.02 1.95
N TYR A 12 -13.96 -5.93 3.15
CA TYR A 12 -14.71 -6.25 4.36
C TYR A 12 -14.10 -5.51 5.53
N SER A 13 -14.93 -5.27 6.55
CA SER A 13 -14.50 -4.54 7.73
C SER A 13 -13.52 -5.28 8.63
N ARG A 14 -12.37 -4.65 8.85
CA ARG A 14 -11.35 -5.17 9.74
C ARG A 14 -10.40 -4.00 9.98
N PRO A 15 -9.64 -4.03 11.07
CA PRO A 15 -8.69 -2.97 11.42
C PRO A 15 -7.94 -2.26 10.28
N VAL A 16 -7.26 -3.01 9.43
CA VAL A 16 -6.49 -2.39 8.35
C VAL A 16 -7.27 -1.98 7.11
N GLN A 17 -8.59 -2.16 7.10
CA GLN A 17 -9.37 -1.81 5.91
C GLN A 17 -9.22 -0.39 5.39
N LYS A 18 -9.35 0.60 6.26
CA LYS A 18 -9.26 1.99 5.81
C LYS A 18 -7.89 2.29 5.19
N ALA A 19 -6.83 1.76 5.80
CA ALA A 19 -5.48 1.97 5.28
C ALA A 19 -5.34 1.33 3.91
N GLU A 20 -5.83 0.10 3.76
CA GLU A 20 -5.73 -0.59 2.48
C GLU A 20 -6.44 0.21 1.39
N LEU A 21 -7.67 0.60 1.66
CA LEU A 21 -8.45 1.36 0.68
C LEU A 21 -7.79 2.70 0.40
N THR A 22 -7.20 3.31 1.42
CA THR A 22 -6.54 4.60 1.25
C THR A 22 -5.34 4.50 0.31
N ARG A 23 -4.43 3.56 0.55
CA ARG A 23 -3.28 3.49 -0.35
C ARG A 23 -3.66 2.94 -1.72
N MET A 24 -4.72 2.14 -1.79
CA MET A 24 -5.13 1.64 -3.10
C MET A 24 -5.73 2.82 -3.86
N ALA A 25 -6.51 3.64 -3.17
CA ALA A 25 -7.13 4.81 -3.79
C ALA A 25 -6.05 5.76 -4.31
N ASN A 26 -4.99 5.95 -3.51
CA ASN A 26 -3.89 6.82 -3.92
C ASN A 26 -3.30 6.36 -5.25
N THR A 27 -3.31 5.06 -5.50
CA THR A 27 -2.80 4.52 -6.76
C THR A 27 -3.82 4.73 -7.88
N LEU A 28 -5.05 4.28 -7.64
CA LEU A 28 -6.12 4.40 -8.64
C LEU A 28 -6.40 5.84 -9.08
N LEU A 29 -6.17 6.81 -8.20
CA LEU A 29 -6.43 8.21 -8.55
C LEU A 29 -5.64 8.66 -9.77
N HIS A 30 -4.53 7.99 -10.06
CA HIS A 30 -3.70 8.34 -11.21
C HIS A 30 -4.21 7.78 -12.53
N VAL A 31 -5.08 6.80 -12.46
CA VAL A 31 -5.57 6.13 -13.67
C VAL A 31 -6.79 6.76 -14.33
N PRO A 32 -6.64 7.20 -15.58
CA PRO A 32 -7.77 7.83 -16.29
C PRO A 32 -8.81 6.79 -16.70
N ASN A 33 -10.05 7.24 -16.84
CA ASN A 33 -11.15 6.36 -17.25
C ASN A 33 -11.19 5.07 -16.45
N LEU A 34 -11.21 5.22 -15.14
CA LEU A 34 -11.27 4.09 -14.24
C LEU A 34 -12.57 4.19 -13.44
N HIS A 35 -13.26 3.06 -13.32
CA HIS A 35 -14.50 2.96 -12.58
C HIS A 35 -14.26 1.95 -11.47
N TRP A 36 -14.21 2.41 -10.23
CA TRP A 36 -13.94 1.52 -9.09
C TRP A 36 -15.25 0.94 -8.55
N LEU A 37 -15.43 -0.36 -8.75
CA LEU A 37 -16.61 -1.06 -8.30
C LEU A 37 -16.27 -1.75 -6.99
N VAL A 38 -16.52 -1.05 -5.88
CA VAL A 38 -16.21 -1.56 -4.55
C VAL A 38 -17.42 -2.33 -4.01
N VAL A 39 -17.19 -3.59 -3.65
CA VAL A 39 -18.26 -4.43 -3.13
C VAL A 39 -17.96 -4.90 -1.72
N GLU A 40 -18.68 -4.33 -0.77
CA GLU A 40 -18.49 -4.68 0.64
C GLU A 40 -19.20 -5.96 1.05
N ASP A 41 -18.56 -6.72 1.93
CA ASP A 41 -19.15 -7.92 2.49
C ASP A 41 -19.84 -7.33 3.73
N ALA A 42 -21.09 -6.93 3.56
CA ALA A 42 -21.85 -6.32 4.65
C ALA A 42 -23.32 -6.22 4.25
N PRO A 43 -24.23 -6.21 5.24
CA PRO A 43 -25.68 -6.13 4.98
C PRO A 43 -26.12 -4.75 4.47
N ARG A 44 -25.27 -3.76 4.65
CA ARG A 44 -25.55 -2.41 4.19
C ARG A 44 -24.24 -1.69 3.94
N ARG A 45 -24.28 -0.60 3.17
CA ARG A 45 -23.07 0.17 2.90
C ARG A 45 -22.59 0.76 4.22
N THR A 46 -21.31 0.57 4.54
CA THR A 46 -20.77 1.10 5.78
C THR A 46 -20.39 2.57 5.62
N PRO A 47 -20.55 3.36 6.69
CA PRO A 47 -20.22 4.79 6.63
C PRO A 47 -18.74 5.01 6.32
N LEU A 48 -17.89 4.15 6.86
CA LEU A 48 -16.45 4.26 6.64
C LEU A 48 -16.13 4.22 5.16
N THR A 49 -16.63 3.20 4.48
CA THR A 49 -16.37 3.03 3.06
C THR A 49 -17.08 4.08 2.20
N ALA A 50 -18.33 4.38 2.54
CA ALA A 50 -19.07 5.39 1.77
C ALA A 50 -18.34 6.74 1.81
N ARG A 51 -17.91 7.13 3.01
CA ARG A 51 -17.22 8.41 3.19
C ARG A 51 -15.89 8.42 2.45
N LEU A 52 -15.11 7.35 2.59
CA LEU A 52 -13.81 7.27 1.93
C LEU A 52 -13.94 7.39 0.41
N LEU A 53 -14.88 6.64 -0.17
CA LEU A 53 -15.08 6.67 -1.61
C LEU A 53 -15.50 8.05 -2.10
N ARG A 54 -16.41 8.68 -1.35
CA ARG A 54 -16.87 10.00 -1.72
C ARG A 54 -15.73 11.02 -1.72
N ASP A 55 -14.88 10.96 -0.70
CA ASP A 55 -13.76 11.90 -0.60
C ASP A 55 -12.59 11.68 -1.55
N THR A 56 -12.46 10.49 -2.13
CA THR A 56 -11.36 10.22 -3.06
C THR A 56 -11.45 11.07 -4.32
N GLY A 57 -12.67 11.23 -4.81
CA GLY A 57 -12.88 11.99 -6.04
C GLY A 57 -12.90 11.04 -7.23
N LEU A 58 -12.75 9.75 -6.95
CA LEU A 58 -12.76 8.74 -8.00
C LEU A 58 -14.16 8.46 -8.52
N ASN A 59 -14.23 7.89 -9.72
CA ASN A 59 -15.50 7.50 -10.30
C ASN A 59 -15.72 6.12 -9.67
N TYR A 60 -16.82 5.94 -8.96
CA TYR A 60 -17.05 4.66 -8.30
C TYR A 60 -18.53 4.27 -8.19
N THR A 61 -18.73 3.00 -7.86
CA THR A 61 -20.07 2.46 -7.64
C THR A 61 -19.86 1.65 -6.36
N HIS A 62 -20.64 1.97 -5.34
CA HIS A 62 -20.54 1.30 -4.05
C HIS A 62 -21.65 0.27 -3.89
N LEU A 63 -21.27 -1.01 -3.94
CA LEU A 63 -22.21 -2.10 -3.80
C LEU A 63 -21.96 -2.89 -2.52
N HIS A 64 -22.85 -3.83 -2.23
CA HIS A 64 -22.69 -4.64 -1.04
C HIS A 64 -23.59 -5.87 -1.04
N VAL A 65 -23.07 -6.93 -0.44
CA VAL A 65 -23.80 -8.18 -0.28
C VAL A 65 -23.08 -8.88 0.86
N GLU A 66 -23.84 -9.42 1.78
CA GLU A 66 -23.25 -10.08 2.93
C GLU A 66 -22.94 -11.53 2.65
N THR A 67 -21.73 -11.96 3.00
CA THR A 67 -21.37 -13.36 2.84
C THR A 67 -21.98 -13.95 4.11
N PRO A 68 -22.88 -14.93 3.98
CA PRO A 68 -23.49 -15.53 5.16
C PRO A 68 -22.47 -15.95 6.22
N ARG A 69 -22.76 -15.63 7.48
CA ARG A 69 -21.87 -16.00 8.58
C ARG A 69 -21.55 -17.48 8.49
N ASN A 70 -22.56 -18.27 8.17
CA ASN A 70 -22.39 -19.72 8.05
C ASN A 70 -21.27 -20.08 7.08
N TYR A 71 -21.19 -19.34 5.97
CA TYR A 71 -20.17 -19.60 4.94
C TYR A 71 -18.75 -19.30 5.38
N LYS A 72 -18.59 -18.44 6.38
CA LYS A 72 -17.26 -18.08 6.86
C LYS A 72 -16.77 -19.00 7.96
N LEU A 73 -17.66 -19.87 8.44
CA LEU A 73 -17.31 -20.79 9.50
C LEU A 73 -16.85 -22.16 9.01
N ARG A 74 -16.14 -22.86 9.89
CA ARG A 74 -15.64 -24.20 9.59
C ARG A 74 -15.55 -25.00 10.89
N GLY A 75 -16.07 -26.22 10.87
CA GLY A 75 -16.04 -27.05 12.06
C GLY A 75 -14.65 -27.60 12.35
N ARG A 81 -13.64 -25.13 -0.31
CA ARG A 81 -14.49 -24.31 0.55
C ARG A 81 -15.04 -23.08 -0.16
N ILE A 82 -15.18 -21.98 0.59
CA ILE A 82 -15.70 -20.71 0.04
C ILE A 82 -14.69 -19.58 0.13
N PRO A 83 -13.95 -19.32 -0.97
CA PRO A 83 -12.95 -18.25 -0.98
C PRO A 83 -13.53 -16.89 -0.61
N ARG A 84 -12.75 -16.11 0.14
CA ARG A 84 -13.20 -14.80 0.55
C ARG A 84 -13.45 -13.90 -0.66
N GLY A 85 -14.49 -13.09 -0.57
CA GLY A 85 -14.83 -12.17 -1.64
C GLY A 85 -15.60 -12.76 -2.82
N THR A 86 -15.76 -14.08 -2.83
CA THR A 86 -16.45 -14.74 -3.94
C THR A 86 -17.82 -14.16 -4.26
N MET A 87 -18.71 -14.06 -3.27
CA MET A 87 -20.04 -13.52 -3.51
C MET A 87 -19.98 -12.07 -3.94
N GLN A 88 -18.99 -11.34 -3.44
CA GLN A 88 -18.84 -9.92 -3.79
C GLN A 88 -18.38 -9.78 -5.26
N ARG A 89 -17.44 -10.61 -5.69
CA ARG A 89 -16.99 -10.54 -7.08
C ARG A 89 -18.15 -10.92 -8.00
N ASN A 90 -18.86 -11.98 -7.64
CA ASN A 90 -20.00 -12.41 -8.43
C ASN A 90 -21.09 -11.34 -8.46
N LEU A 91 -21.25 -10.58 -7.37
CA LEU A 91 -22.25 -9.54 -7.35
C LEU A 91 -21.89 -8.48 -8.39
N ALA A 92 -20.60 -8.20 -8.51
CA ALA A 92 -20.13 -7.20 -9.48
C ALA A 92 -20.39 -7.68 -10.90
N LEU A 93 -20.14 -8.96 -11.16
CA LEU A 93 -20.38 -9.52 -12.49
C LEU A 93 -21.87 -9.39 -12.85
N ARG A 94 -22.73 -9.71 -11.88
CA ARG A 94 -24.17 -9.63 -12.09
C ARG A 94 -24.58 -8.17 -12.33
N TRP A 95 -24.00 -7.26 -11.56
CA TRP A 95 -24.31 -5.83 -11.71
C TRP A 95 -23.90 -5.30 -13.08
N LEU A 96 -22.76 -5.74 -13.59
CA LEU A 96 -22.32 -5.29 -14.90
C LEU A 96 -23.30 -5.78 -15.96
N ARG A 97 -23.73 -7.02 -15.85
CA ARG A 97 -24.66 -7.60 -16.80
C ARG A 97 -26.05 -6.96 -16.74
N GLU A 98 -26.43 -6.46 -15.57
CA GLU A 98 -27.73 -5.80 -15.43
C GLU A 98 -27.68 -4.34 -15.84
N THR A 99 -26.48 -3.76 -15.82
CA THR A 99 -26.29 -2.35 -16.16
C THR A 99 -25.97 -2.08 -17.63
N PHE A 100 -25.17 -2.96 -18.22
CA PHE A 100 -24.76 -2.82 -19.62
C PHE A 100 -25.51 -3.81 -20.50
N PRO A 101 -26.04 -3.34 -21.65
CA PRO A 101 -26.77 -4.24 -22.55
C PRO A 101 -25.80 -5.22 -23.20
N ARG A 102 -26.24 -6.46 -23.44
CA ARG A 102 -25.40 -7.49 -24.02
C ARG A 102 -24.55 -7.00 -25.20
N ASN A 103 -25.17 -6.24 -26.10
CA ASN A 103 -24.45 -5.72 -27.26
C ASN A 103 -24.06 -4.27 -27.02
N SER A 104 -23.76 -3.94 -25.77
CA SER A 104 -23.36 -2.59 -25.39
C SER A 104 -22.29 -2.01 -26.30
N SER A 105 -21.29 -2.83 -26.63
CA SER A 105 -20.19 -2.40 -27.48
C SER A 105 -19.36 -1.35 -26.78
N GLN A 106 -19.83 -0.93 -25.60
CA GLN A 106 -19.14 0.07 -24.80
C GLN A 106 -17.75 -0.45 -24.40
N PRO A 107 -16.69 0.17 -24.94
CA PRO A 107 -15.32 -0.26 -24.63
C PRO A 107 -15.04 -0.32 -23.13
N GLY A 108 -14.78 -1.52 -22.64
CA GLY A 108 -14.50 -1.69 -21.23
C GLY A 108 -13.75 -2.98 -20.92
N VAL A 109 -13.06 -2.99 -19.78
CA VAL A 109 -12.29 -4.15 -19.33
C VAL A 109 -12.59 -4.34 -17.85
N VAL A 110 -12.66 -5.59 -17.40
CA VAL A 110 -12.94 -5.89 -16.00
C VAL A 110 -11.74 -6.52 -15.32
N TYR A 111 -11.38 -6.00 -14.15
CA TYR A 111 -10.24 -6.51 -13.39
C TYR A 111 -10.62 -6.71 -11.92
N PHE A 112 -10.38 -7.91 -11.40
CA PHE A 112 -10.71 -8.22 -10.00
C PHE A 112 -9.47 -7.95 -9.14
N ALA A 113 -9.47 -6.79 -8.49
CA ALA A 113 -8.35 -6.36 -7.67
C ALA A 113 -8.64 -6.32 -6.17
N ASP A 114 -8.05 -7.24 -5.41
CA ASP A 114 -8.25 -7.26 -3.96
C ASP A 114 -7.68 -5.97 -3.35
N ASP A 115 -8.20 -5.56 -2.20
CA ASP A 115 -7.74 -4.30 -1.59
C ASP A 115 -6.37 -4.28 -0.93
N ASP A 116 -5.69 -5.42 -0.88
CA ASP A 116 -4.38 -5.50 -0.23
C ASP A 116 -3.17 -5.73 -1.15
N ASN A 117 -3.41 -5.99 -2.44
CA ASN A 117 -2.31 -6.21 -3.38
C ASN A 117 -1.65 -4.86 -3.67
N THR A 118 -0.52 -4.89 -4.35
CA THR A 118 0.18 -3.66 -4.75
C THR A 118 0.10 -3.60 -6.27
N TYR A 119 -0.35 -2.46 -6.79
CA TYR A 119 -0.50 -2.30 -8.25
C TYR A 119 0.32 -1.14 -8.81
N SER A 120 1.00 -1.38 -9.92
CA SER A 120 1.78 -0.33 -10.57
C SER A 120 0.86 0.37 -11.56
N LEU A 121 1.17 1.63 -11.89
CA LEU A 121 0.35 2.36 -12.84
C LEU A 121 0.43 1.72 -14.23
N GLU A 122 1.60 1.19 -14.57
CA GLU A 122 1.82 0.58 -15.88
C GLU A 122 0.85 -0.59 -16.10
N LEU A 123 0.55 -1.31 -15.03
CA LEU A 123 -0.35 -2.45 -15.11
C LEU A 123 -1.68 -2.11 -15.80
N PHE A 124 -2.28 -1.00 -15.40
CA PHE A 124 -3.56 -0.61 -15.98
C PHE A 124 -3.50 -0.31 -17.46
N GLU A 125 -2.40 0.27 -17.93
CA GLU A 125 -2.31 0.56 -19.34
C GLU A 125 -2.06 -0.72 -20.12
N GLU A 126 -1.50 -1.73 -19.47
CA GLU A 126 -1.26 -3.00 -20.13
C GLU A 126 -2.60 -3.73 -20.34
N MET A 127 -3.47 -3.68 -19.33
CA MET A 127 -4.76 -4.36 -19.43
C MET A 127 -5.85 -3.58 -20.17
N ARG A 128 -5.69 -2.27 -20.30
CA ARG A 128 -6.72 -1.46 -20.94
C ARG A 128 -7.10 -1.87 -22.37
N SER A 129 -6.15 -2.41 -23.12
CA SER A 129 -6.40 -2.81 -24.51
C SER A 129 -6.90 -4.24 -24.70
N THR A 130 -7.19 -4.94 -23.61
CA THR A 130 -7.66 -6.33 -23.69
C THR A 130 -8.84 -6.52 -24.65
N ARG A 131 -8.72 -7.50 -25.54
CA ARG A 131 -9.79 -7.79 -26.50
C ARG A 131 -10.66 -8.95 -26.02
N ARG A 132 -10.03 -9.91 -25.34
CA ARG A 132 -10.73 -11.08 -24.82
C ARG A 132 -10.32 -11.23 -23.35
N VAL A 133 -9.20 -11.90 -23.10
CA VAL A 133 -8.67 -12.04 -21.75
C VAL A 133 -7.16 -11.87 -21.81
N SER A 134 -6.63 -11.00 -20.97
CA SER A 134 -5.19 -10.75 -20.92
C SER A 134 -4.61 -11.33 -19.64
N VAL A 135 -3.33 -11.72 -19.69
CA VAL A 135 -2.66 -12.31 -18.55
C VAL A 135 -1.23 -11.78 -18.38
N TRP A 136 -0.75 -11.81 -17.15
CA TRP A 136 0.59 -11.33 -16.83
C TRP A 136 1.14 -11.95 -15.54
N PRO A 137 2.45 -11.79 -15.29
CA PRO A 137 3.08 -12.34 -14.09
C PRO A 137 2.57 -11.65 -12.83
N VAL A 138 2.56 -12.38 -11.72
CA VAL A 138 2.14 -11.84 -10.43
C VAL A 138 3.13 -12.31 -9.38
N ALA A 139 3.63 -11.37 -8.57
CA ALA A 139 4.61 -11.70 -7.54
C ALA A 139 3.97 -12.23 -6.26
N PHE A 140 4.72 -13.08 -5.58
CA PHE A 140 4.33 -13.65 -4.30
C PHE A 140 3.06 -14.49 -4.27
N VAL A 141 2.93 -15.40 -5.24
CA VAL A 141 1.79 -16.31 -5.28
C VAL A 141 2.33 -17.70 -5.58
N GLY A 142 1.56 -18.72 -5.22
CA GLY A 142 1.99 -20.09 -5.48
C GLY A 142 3.30 -20.49 -4.82
N GLY A 143 3.62 -19.84 -3.70
CA GLY A 143 4.85 -20.15 -2.98
C GLY A 143 6.12 -19.81 -3.74
N LEU A 144 6.01 -18.88 -4.69
CA LEU A 144 7.15 -18.47 -5.51
C LEU A 144 7.38 -16.97 -5.48
N ARG A 145 8.53 -16.54 -6.00
CA ARG A 145 8.84 -15.12 -6.09
C ARG A 145 7.75 -14.53 -7.00
N TYR A 146 7.31 -15.32 -7.98
CA TYR A 146 6.25 -14.92 -8.91
C TYR A 146 5.82 -16.08 -9.81
N GLU A 147 4.61 -15.98 -10.34
CA GLU A 147 4.10 -16.98 -11.28
C GLU A 147 3.95 -16.23 -12.59
N ALA A 148 4.28 -16.87 -13.70
CA ALA A 148 4.17 -16.22 -14.99
C ALA A 148 3.67 -17.14 -16.08
N PRO A 149 2.78 -16.63 -16.95
CA PRO A 149 2.27 -17.46 -18.06
C PRO A 149 3.46 -17.73 -18.97
N ARG A 150 3.43 -18.87 -19.66
CA ARG A 150 4.52 -19.22 -20.58
C ARG A 150 3.99 -18.99 -22.00
N VAL A 151 4.75 -18.24 -22.80
CA VAL A 151 4.32 -17.89 -24.15
C VAL A 151 5.22 -18.50 -25.23
N ASN A 152 4.63 -18.94 -26.35
CA ASN A 152 5.45 -19.50 -27.41
C ASN A 152 5.86 -18.42 -28.42
N GLY A 153 6.66 -18.81 -29.41
CA GLY A 153 7.14 -17.86 -30.41
C GLY A 153 6.04 -17.23 -31.23
N ALA A 154 4.88 -17.87 -31.29
CA ALA A 154 3.75 -17.35 -32.04
C ALA A 154 3.00 -16.30 -31.22
N GLY A 155 3.45 -16.05 -30.00
CA GLY A 155 2.82 -15.07 -29.14
C GLY A 155 1.61 -15.56 -28.38
N LYS A 156 1.43 -16.87 -28.33
CA LYS A 156 0.30 -17.50 -27.65
C LYS A 156 0.70 -18.12 -26.31
N VAL A 157 -0.18 -18.04 -25.33
CA VAL A 157 0.09 -18.65 -24.04
C VAL A 157 -0.03 -20.17 -24.27
N VAL A 158 0.98 -20.92 -23.87
CA VAL A 158 0.98 -22.37 -24.05
C VAL A 158 1.06 -23.14 -22.74
N ARG A 159 1.20 -22.41 -21.65
CA ARG A 159 1.26 -23.01 -20.32
C ARG A 159 1.53 -21.99 -19.22
N TRP A 160 1.92 -22.50 -18.06
CA TRP A 160 2.14 -21.63 -16.91
C TRP A 160 3.37 -22.00 -16.12
N LYS A 161 4.22 -21.00 -15.84
CA LYS A 161 5.42 -21.24 -15.06
C LYS A 161 5.09 -21.18 -13.57
N THR A 162 4.62 -22.31 -13.03
CA THR A 162 4.25 -22.39 -11.62
C THR A 162 4.66 -23.76 -11.09
N VAL A 163 4.76 -23.88 -9.77
CA VAL A 163 5.12 -25.14 -9.13
C VAL A 163 3.84 -25.85 -8.70
N PHE A 164 2.91 -25.08 -8.15
CA PHE A 164 1.64 -25.66 -7.75
C PHE A 164 0.78 -25.86 -9.01
N ASP A 165 0.29 -27.09 -9.19
CA ASP A 165 -0.55 -27.49 -10.31
C ASP A 165 -0.44 -26.64 -11.57
N PRO A 166 0.72 -26.65 -12.24
CA PRO A 166 0.92 -25.86 -13.45
C PRO A 166 0.11 -26.35 -14.64
N HIS A 167 -0.51 -27.51 -14.51
CA HIS A 167 -1.26 -28.09 -15.61
C HIS A 167 -2.77 -27.84 -15.53
N ARG A 168 -3.20 -27.04 -14.57
CA ARG A 168 -4.62 -26.73 -14.46
C ARG A 168 -4.97 -25.83 -15.64
N PRO A 169 -6.26 -25.72 -15.98
CA PRO A 169 -6.71 -24.89 -17.11
C PRO A 169 -6.05 -23.52 -17.14
N PHE A 170 -6.13 -22.79 -16.03
CA PHE A 170 -5.51 -21.48 -15.94
C PHE A 170 -4.81 -21.35 -14.60
N ALA A 171 -3.51 -21.63 -14.59
CA ALA A 171 -2.70 -21.56 -13.38
C ALA A 171 -2.28 -20.11 -13.19
N ILE A 172 -3.21 -19.30 -12.72
CA ILE A 172 -2.94 -17.88 -12.52
C ILE A 172 -3.79 -17.30 -11.40
N ASP A 173 -3.24 -16.29 -10.73
CA ASP A 173 -3.93 -15.64 -9.62
C ASP A 173 -4.95 -14.61 -10.09
N MET A 174 -5.91 -14.34 -9.23
CA MET A 174 -6.97 -13.37 -9.48
C MET A 174 -6.40 -12.05 -10.02
N ALA A 175 -5.27 -11.62 -9.46
CA ALA A 175 -4.65 -10.36 -9.87
C ALA A 175 -3.86 -10.43 -11.18
N GLY A 176 -3.83 -11.60 -11.80
CA GLY A 176 -3.06 -11.75 -13.03
C GLY A 176 -3.79 -11.70 -14.37
N PHE A 177 -5.08 -11.39 -14.36
CA PHE A 177 -5.81 -11.33 -15.62
C PHE A 177 -6.90 -10.27 -15.62
N ALA A 178 -7.34 -9.90 -16.81
CA ALA A 178 -8.40 -8.93 -16.99
C ALA A 178 -9.27 -9.44 -18.13
N VAL A 179 -10.55 -9.11 -18.10
CA VAL A 179 -11.48 -9.58 -19.12
C VAL A 179 -12.20 -8.45 -19.84
N ASN A 180 -12.27 -8.54 -21.17
CA ASN A 180 -12.98 -7.52 -21.94
C ASN A 180 -14.44 -7.57 -21.48
N LEU A 181 -15.01 -6.41 -21.17
CA LEU A 181 -16.40 -6.34 -20.70
C LEU A 181 -17.40 -7.04 -21.64
N ARG A 182 -17.18 -6.89 -22.94
CA ARG A 182 -18.07 -7.50 -23.92
C ARG A 182 -18.17 -9.01 -23.70
N LEU A 183 -17.02 -9.64 -23.43
CA LEU A 183 -17.00 -11.08 -23.20
C LEU A 183 -17.80 -11.44 -21.95
N ILE A 184 -17.68 -10.61 -20.91
CA ILE A 184 -18.42 -10.85 -19.67
C ILE A 184 -19.92 -10.76 -19.93
N LEU A 185 -20.33 -9.79 -20.74
CA LEU A 185 -21.73 -9.58 -21.07
C LEU A 185 -22.27 -10.70 -21.96
N GLN A 186 -21.42 -11.17 -22.87
CA GLN A 186 -21.82 -12.25 -23.78
C GLN A 186 -22.00 -13.57 -23.05
N ARG A 187 -21.05 -13.91 -22.18
CA ARG A 187 -21.14 -15.15 -21.41
C ARG A 187 -21.82 -14.80 -20.09
N SER A 188 -23.10 -14.46 -20.18
CA SER A 188 -23.89 -14.03 -19.03
C SER A 188 -24.04 -15.01 -17.87
N GLN A 189 -23.75 -16.28 -18.10
CA GLN A 189 -23.89 -17.28 -17.04
C GLN A 189 -22.59 -17.64 -16.31
N ALA A 190 -21.49 -17.04 -16.73
CA ALA A 190 -20.19 -17.33 -16.14
C ALA A 190 -19.90 -16.58 -14.83
N TYR A 191 -19.77 -17.33 -13.74
CA TYR A 191 -19.47 -16.77 -12.43
C TYR A 191 -18.37 -17.59 -11.76
N PHE A 192 -17.80 -17.06 -10.69
CA PHE A 192 -16.78 -17.79 -9.96
C PHE A 192 -17.49 -18.90 -9.18
N LYS A 193 -16.88 -20.08 -9.14
CA LYS A 193 -17.45 -21.21 -8.39
C LYS A 193 -17.58 -20.82 -6.92
N LEU A 194 -18.76 -21.05 -6.36
CA LEU A 194 -19.06 -20.69 -4.97
C LEU A 194 -18.53 -21.66 -3.91
N ARG A 195 -19.03 -22.89 -3.96
CA ARG A 195 -18.66 -23.93 -2.99
C ARG A 195 -17.80 -25.04 -3.59
N GLY A 196 -17.15 -25.80 -2.71
CA GLY A 196 -16.31 -26.91 -3.15
C GLY A 196 -15.18 -26.49 -4.05
N VAL A 197 -14.77 -25.23 -3.93
CA VAL A 197 -13.69 -24.70 -4.75
C VAL A 197 -12.35 -25.30 -4.33
N LYS A 198 -11.74 -26.08 -5.21
CA LYS A 198 -10.44 -26.66 -4.91
C LYS A 198 -9.42 -25.53 -4.87
N GLY A 199 -8.59 -25.53 -3.83
CA GLY A 199 -7.59 -24.49 -3.68
C GLY A 199 -6.82 -24.19 -4.96
N GLY A 200 -6.81 -22.92 -5.35
CA GLY A 200 -6.11 -22.51 -6.56
C GLY A 200 -6.83 -22.77 -7.87
N TYR A 201 -8.08 -23.21 -7.82
CA TYR A 201 -8.83 -23.48 -9.03
C TYR A 201 -10.01 -22.56 -9.32
N GLN A 202 -10.24 -21.55 -8.48
CA GLN A 202 -11.38 -20.67 -8.72
C GLN A 202 -11.22 -19.81 -9.96
N GLU A 203 -10.01 -19.33 -10.21
CA GLU A 203 -9.79 -18.50 -11.40
C GLU A 203 -10.17 -19.32 -12.65
N SER A 204 -9.75 -20.57 -12.68
CA SER A 204 -10.05 -21.45 -13.82
C SER A 204 -11.55 -21.65 -13.98
N SER A 205 -12.27 -21.76 -12.86
CA SER A 205 -13.72 -21.99 -12.91
C SER A 205 -14.45 -20.92 -13.73
N LEU A 206 -13.94 -19.69 -13.71
CA LEU A 206 -14.57 -18.63 -14.47
C LEU A 206 -13.99 -18.57 -15.88
N LEU A 207 -12.66 -18.51 -15.96
CA LEU A 207 -11.98 -18.41 -17.25
C LEU A 207 -12.29 -19.49 -18.26
N ARG A 208 -12.51 -20.71 -17.79
CA ARG A 208 -12.81 -21.81 -18.72
C ARG A 208 -14.12 -21.60 -19.46
N GLU A 209 -15.01 -20.80 -18.89
CA GLU A 209 -16.30 -20.52 -19.51
C GLU A 209 -16.20 -19.29 -20.40
N LEU A 210 -15.08 -18.58 -20.33
CA LEU A 210 -14.88 -17.37 -21.10
C LEU A 210 -13.95 -17.48 -22.29
N VAL A 211 -12.91 -18.29 -22.18
CA VAL A 211 -11.97 -18.36 -23.29
C VAL A 211 -11.08 -19.60 -23.26
N THR A 212 -10.30 -19.78 -24.32
CA THR A 212 -9.38 -20.91 -24.41
C THR A 212 -7.98 -20.36 -24.26
N LEU A 213 -7.01 -21.26 -24.06
CA LEU A 213 -5.63 -20.85 -23.89
C LEU A 213 -5.16 -20.01 -25.08
N ASN A 214 -5.54 -20.45 -26.28
CA ASN A 214 -5.15 -19.78 -27.52
C ASN A 214 -5.64 -18.35 -27.69
N ASP A 215 -6.68 -17.98 -26.96
CA ASP A 215 -7.20 -16.62 -27.09
C ASP A 215 -6.68 -15.67 -26.03
N LEU A 216 -5.80 -16.15 -25.15
CA LEU A 216 -5.24 -15.29 -24.12
C LEU A 216 -4.25 -14.31 -24.75
N GLU A 217 -4.19 -13.11 -24.17
CA GLU A 217 -3.31 -12.05 -24.65
C GLU A 217 -2.24 -11.77 -23.60
N PRO A 218 -1.00 -12.25 -23.84
CA PRO A 218 0.08 -12.01 -22.87
C PRO A 218 0.52 -10.55 -22.78
N LYS A 219 0.57 -10.03 -21.56
CA LYS A 219 0.98 -8.65 -21.34
C LYS A 219 2.28 -8.58 -20.53
N ALA A 220 2.67 -7.37 -20.14
CA ALA A 220 3.88 -7.14 -19.35
C ALA A 220 5.13 -7.64 -20.07
N ALA A 221 5.39 -7.05 -21.24
CA ALA A 221 6.56 -7.40 -22.05
C ALA A 221 6.62 -8.90 -22.32
N ASN A 222 5.51 -9.42 -22.85
CA ASN A 222 5.39 -10.83 -23.17
C ASN A 222 5.63 -11.71 -21.94
N CYS A 223 5.06 -11.26 -20.81
CA CYS A 223 5.16 -11.95 -19.54
C CYS A 223 6.59 -12.14 -18.99
N THR A 224 7.39 -11.07 -19.05
CA THR A 224 8.74 -11.12 -18.53
C THR A 224 8.93 -10.08 -17.42
N LYS A 225 7.90 -9.30 -17.14
CA LYS A 225 7.98 -8.27 -16.11
C LYS A 225 6.90 -8.42 -15.04
N ILE A 226 7.21 -7.98 -13.83
CA ILE A 226 6.28 -8.04 -12.70
C ILE A 226 5.72 -6.63 -12.49
N LEU A 227 4.41 -6.48 -12.69
CA LEU A 227 3.75 -5.18 -12.54
C LEU A 227 2.70 -5.14 -11.44
N VAL A 228 2.50 -6.27 -10.77
CA VAL A 228 1.54 -6.36 -9.69
C VAL A 228 2.09 -7.33 -8.65
N TRP A 229 1.86 -7.03 -7.36
CA TRP A 229 2.38 -7.88 -6.28
C TRP A 229 1.30 -8.31 -5.30
N HIS A 230 1.27 -9.61 -4.99
CA HIS A 230 0.29 -10.15 -4.07
C HIS A 230 0.81 -10.00 -2.64
N THR A 231 0.91 -8.75 -2.20
CA THR A 231 1.37 -8.43 -0.85
C THR A 231 0.26 -8.72 0.16
N ARG A 232 0.65 -9.14 1.36
CA ARG A 232 -0.33 -9.44 2.41
C ARG A 232 0.03 -8.60 3.63
N THR A 233 -0.98 -7.97 4.23
CA THR A 233 -0.76 -7.13 5.41
C THR A 233 -0.91 -7.91 6.70
N GLU A 234 0.04 -7.73 7.62
CA GLU A 234 -0.02 -8.43 8.89
C GLU A 234 -1.10 -7.87 9.78
N LYS A 235 -1.64 -8.74 10.63
CA LYS A 235 -2.68 -8.36 11.58
C LYS A 235 -2.03 -7.44 12.62
N PRO A 236 -2.64 -6.28 12.89
CA PRO A 236 -2.07 -5.36 13.87
C PRO A 236 -2.16 -5.95 15.27
N VAL A 237 -1.17 -5.68 16.11
CA VAL A 237 -1.19 -6.17 17.49
C VAL A 237 -1.96 -5.16 18.33
N LEU A 238 -3.07 -5.59 18.91
CA LEU A 238 -3.89 -4.69 19.72
C LEU A 238 -3.96 -5.12 21.18
N VAL A 239 -2.97 -5.88 21.62
CA VAL A 239 -2.91 -6.40 22.98
C VAL A 239 -3.01 -5.34 24.09
N ASN A 240 -2.56 -4.12 23.83
CA ASN A 240 -2.63 -3.09 24.87
C ASN A 240 -3.98 -2.41 25.00
N GLU A 241 -4.95 -2.84 24.19
CA GLU A 241 -6.29 -2.27 24.26
C GLU A 241 -7.02 -2.86 25.47
N GLY A 242 -6.58 -4.04 25.91
CA GLY A 242 -7.21 -4.68 27.04
C GLY A 242 -8.60 -5.20 26.69
N LYS A 243 -9.32 -5.67 27.70
CA LYS A 243 -10.67 -6.20 27.49
C LYS A 243 -11.70 -5.07 27.47
N LYS A 244 -11.36 -3.95 28.11
CA LYS A 244 -12.26 -2.81 28.19
C LYS A 244 -11.99 -1.78 27.10
N GLY A 245 -10.84 -1.91 26.43
CA GLY A 245 -10.50 -0.98 25.37
C GLY A 245 -9.83 0.26 25.93
N PHE A 246 -8.73 0.67 25.31
CA PHE A 246 -7.98 1.84 25.76
C PHE A 246 -8.34 3.07 24.92
N THR A 247 -8.27 2.91 23.59
CA THR A 247 -8.58 4.00 22.68
C THR A 247 -10.08 4.20 22.52
N ASP A 248 -10.46 5.33 21.92
CA ASP A 248 -11.86 5.64 21.69
C ASP A 248 -12.38 4.88 20.49
N PRO A 249 -13.39 4.03 20.68
CA PRO A 249 -13.99 3.24 19.60
C PRO A 249 -14.71 4.08 18.55
N SER A 250 -14.97 5.33 18.89
CA SER A 250 -15.66 6.23 17.96
C SER A 250 -14.67 6.80 16.95
N VAL A 251 -13.39 6.77 17.30
CA VAL A 251 -12.35 7.28 16.41
C VAL A 251 -12.15 6.26 15.28
N GLU A 252 -12.41 6.70 14.05
CA GLU A 252 -12.29 5.83 12.89
C GLU A 252 -10.86 5.63 12.42
N ILE A 253 -10.44 4.37 12.33
CA ILE A 253 -9.10 4.03 11.86
C ILE A 253 -9.21 3.13 10.63
N ALA B 1 5.52 30.36 -2.33
CA ALA B 1 6.35 30.10 -1.13
C ALA B 1 5.96 28.79 -0.44
N LEU B 2 5.41 27.86 -1.21
CA LEU B 2 5.00 26.56 -0.70
C LEU B 2 6.21 25.77 -0.19
N PRO B 3 6.31 25.56 1.13
CA PRO B 3 7.42 24.82 1.73
C PRO B 3 7.66 23.47 1.07
N THR B 4 8.92 23.06 0.97
CA THR B 4 9.25 21.76 0.39
C THR B 4 9.19 20.73 1.51
N ILE B 5 8.61 19.56 1.22
CA ILE B 5 8.57 18.52 2.24
C ILE B 5 9.64 17.50 1.86
N HIS B 6 10.62 17.35 2.74
CA HIS B 6 11.70 16.40 2.51
C HIS B 6 11.28 15.12 3.21
N VAL B 7 10.88 14.13 2.43
CA VAL B 7 10.46 12.85 2.98
C VAL B 7 11.69 11.96 3.06
N VAL B 8 12.08 11.61 4.28
CA VAL B 8 13.26 10.79 4.49
C VAL B 8 12.83 9.34 4.65
N THR B 9 13.20 8.52 3.67
CA THR B 9 12.79 7.13 3.67
C THR B 9 13.93 6.13 3.67
N PRO B 10 14.21 5.52 4.83
CA PRO B 10 15.27 4.53 4.94
C PRO B 10 14.67 3.30 4.28
N THR B 11 15.48 2.45 3.68
CA THR B 11 14.93 1.26 3.07
C THR B 11 16.03 0.20 3.02
N TYR B 12 15.66 -1.03 2.67
CA TYR B 12 16.65 -2.09 2.60
C TYR B 12 16.11 -3.16 1.67
N SER B 13 17.03 -3.95 1.10
CA SER B 13 16.66 -5.00 0.18
C SER B 13 16.05 -6.25 0.81
N ARG B 14 14.84 -6.57 0.37
CA ARG B 14 14.12 -7.75 0.79
C ARG B 14 13.01 -7.93 -0.24
N PRO B 15 12.44 -9.15 -0.37
CA PRO B 15 11.38 -9.39 -1.35
C PRO B 15 10.35 -8.29 -1.63
N VAL B 16 9.62 -7.87 -0.61
CA VAL B 16 8.57 -6.88 -0.78
C VAL B 16 9.04 -5.43 -0.98
N GLN B 17 10.34 -5.21 -1.05
CA GLN B 17 10.83 -3.84 -1.21
C GLN B 17 10.28 -3.06 -2.39
N LYS B 18 10.37 -3.62 -3.59
CA LYS B 18 9.90 -2.90 -4.77
C LYS B 18 8.42 -2.59 -4.69
N ALA B 19 7.63 -3.51 -4.15
CA ALA B 19 6.20 -3.30 -4.00
C ALA B 19 5.95 -2.12 -3.04
N GLU B 20 6.64 -2.13 -1.90
CA GLU B 20 6.46 -1.05 -0.92
C GLU B 20 6.82 0.31 -1.53
N LEU B 21 7.99 0.38 -2.16
CA LEU B 21 8.43 1.63 -2.77
C LEU B 21 7.48 2.06 -3.89
N THR B 22 6.90 1.09 -4.58
CA THR B 22 5.97 1.39 -5.67
C THR B 22 4.68 2.04 -5.13
N ARG B 23 4.00 1.42 -4.17
CA ARG B 23 2.78 2.04 -3.68
C ARG B 23 3.06 3.32 -2.91
N MET B 24 4.27 3.47 -2.37
CA MET B 24 4.61 4.69 -1.66
C MET B 24 4.81 5.79 -2.71
N ALA B 25 5.50 5.46 -3.79
CA ALA B 25 5.74 6.43 -4.85
C ALA B 25 4.40 6.88 -5.43
N ASN B 26 3.45 5.96 -5.57
CA ASN B 26 2.14 6.29 -6.11
C ASN B 26 1.45 7.31 -5.19
N THR B 27 1.73 7.25 -3.89
CA THR B 27 1.15 8.20 -2.95
C THR B 27 1.85 9.55 -3.09
N LEU B 28 3.18 9.52 -3.09
CA LEU B 28 3.99 10.73 -3.19
C LEU B 28 3.84 11.53 -4.48
N LEU B 29 3.49 10.85 -5.57
CA LEU B 29 3.32 11.53 -6.85
C LEU B 29 2.24 12.61 -6.79
N HIS B 30 1.33 12.48 -5.82
CA HIS B 30 0.24 13.44 -5.64
C HIS B 30 0.67 14.68 -4.85
N VAL B 31 1.81 14.60 -4.17
CA VAL B 31 2.28 15.69 -3.33
C VAL B 31 3.16 16.74 -4.01
N PRO B 32 2.70 17.99 -4.10
CA PRO B 32 3.51 19.03 -4.74
C PRO B 32 4.71 19.42 -3.87
N ASN B 33 5.71 20.04 -4.49
CA ASN B 33 6.92 20.47 -3.78
C ASN B 33 7.41 19.43 -2.81
N LEU B 34 7.74 18.25 -3.34
CA LEU B 34 8.22 17.16 -2.53
C LEU B 34 9.61 16.73 -2.97
N HIS B 35 10.45 16.40 -1.99
CA HIS B 35 11.80 15.93 -2.25
C HIS B 35 11.92 14.60 -1.49
N TRP B 36 12.12 13.52 -2.23
CA TRP B 36 12.22 12.20 -1.62
C TRP B 36 13.67 11.79 -1.41
N LEU B 37 14.06 11.79 -0.14
CA LEU B 37 15.42 11.44 0.26
C LEU B 37 15.42 9.98 0.67
N VAL B 38 15.81 9.12 -0.26
CA VAL B 38 15.84 7.69 -0.01
C VAL B 38 17.24 7.22 0.36
N VAL B 39 17.35 6.54 1.50
CA VAL B 39 18.63 6.08 1.99
C VAL B 39 18.60 4.57 2.19
N GLU B 40 19.33 3.85 1.35
CA GLU B 40 19.39 2.40 1.40
C GLU B 40 20.39 1.87 2.40
N ASP B 41 19.98 0.82 3.10
CA ASP B 41 20.87 0.17 4.04
C ASP B 41 21.56 -0.88 3.17
N ALA B 42 22.63 -0.44 2.50
CA ALA B 42 23.39 -1.31 1.60
C ALA B 42 24.77 -0.72 1.36
N PRO B 43 25.76 -1.55 0.97
CA PRO B 43 27.13 -1.10 0.70
C PRO B 43 27.22 -0.17 -0.49
N ARG B 44 26.15 -0.08 -1.27
CA ARG B 44 26.12 0.78 -2.44
C ARG B 44 24.69 0.91 -2.95
N ARG B 45 24.45 1.93 -3.75
CA ARG B 45 23.12 2.12 -4.31
C ARG B 45 22.76 0.91 -5.18
N THR B 46 21.58 0.35 -4.97
CA THR B 46 21.17 -0.80 -5.75
C THR B 46 20.49 -0.34 -7.02
N PRO B 47 20.63 -1.09 -8.11
CA PRO B 47 19.99 -0.67 -9.37
C PRO B 47 18.46 -0.72 -9.30
N LEU B 48 17.92 -1.60 -8.47
CA LEU B 48 16.47 -1.72 -8.33
C LEU B 48 15.90 -0.38 -7.85
N THR B 49 16.50 0.16 -6.80
CA THR B 49 16.05 1.42 -6.24
C THR B 49 16.37 2.59 -7.17
N ALA B 50 17.56 2.57 -7.79
CA ALA B 50 17.94 3.64 -8.71
C ALA B 50 16.97 3.75 -9.87
N ARG B 51 16.63 2.62 -10.49
CA ARG B 51 15.70 2.63 -11.62
C ARG B 51 14.29 3.05 -11.24
N LEU B 52 13.79 2.54 -10.11
CA LEU B 52 12.45 2.90 -9.67
C LEU B 52 12.35 4.42 -9.45
N LEU B 53 13.32 5.00 -8.75
CA LEU B 53 13.28 6.43 -8.49
C LEU B 53 13.37 7.20 -9.79
N ARG B 54 14.28 6.78 -10.67
CA ARG B 54 14.47 7.41 -11.97
C ARG B 54 13.16 7.46 -12.77
N ASP B 55 12.47 6.34 -12.83
CA ASP B 55 11.23 6.24 -13.59
C ASP B 55 10.00 6.96 -13.04
N THR B 56 10.03 7.39 -11.78
CA THR B 56 8.87 8.09 -11.21
C THR B 56 8.77 9.54 -11.68
N GLY B 57 9.92 10.16 -11.92
CA GLY B 57 9.95 11.55 -12.34
C GLY B 57 10.04 12.48 -11.13
N LEU B 58 9.92 11.90 -9.94
CA LEU B 58 9.98 12.66 -8.68
C LEU B 58 11.34 13.28 -8.42
N ASN B 59 11.37 14.35 -7.62
CA ASN B 59 12.65 14.98 -7.28
C ASN B 59 13.16 14.18 -6.10
N TYR B 60 14.21 13.40 -6.33
CA TYR B 60 14.75 12.56 -5.28
C TYR B 60 16.27 12.71 -5.12
N THR B 61 16.76 12.17 -4.02
CA THR B 61 18.17 12.12 -3.72
C THR B 61 18.31 10.69 -3.20
N HIS B 62 19.22 9.94 -3.83
CA HIS B 62 19.45 8.54 -3.50
C HIS B 62 20.80 8.37 -2.81
N LEU B 63 20.76 8.01 -1.52
CA LEU B 63 21.96 7.80 -0.73
C LEU B 63 21.99 6.38 -0.21
N HIS B 64 23.09 6.01 0.44
CA HIS B 64 23.24 4.68 1.00
C HIS B 64 24.29 4.65 2.10
N VAL B 65 24.08 3.77 3.06
CA VAL B 65 24.99 3.57 4.17
C VAL B 65 24.62 2.23 4.77
N GLU B 66 25.60 1.34 4.89
CA GLU B 66 25.36 0.02 5.42
C GLU B 66 25.49 -0.05 6.94
N THR B 67 24.50 -0.65 7.58
CA THR B 67 24.47 -0.80 9.03
C THR B 67 25.38 -1.98 9.41
N PRO B 68 26.41 -1.72 10.23
CA PRO B 68 27.36 -2.77 10.66
C PRO B 68 26.73 -3.82 11.57
N ARG B 69 27.58 -4.69 12.13
CA ARG B 69 27.12 -5.76 13.00
C ARG B 69 26.20 -5.20 14.09
N ILE B 82 20.03 -1.64 17.85
CA ILE B 82 19.70 -0.33 17.29
C ILE B 82 18.54 -0.44 16.30
N PRO B 83 17.53 0.43 16.44
CA PRO B 83 16.36 0.43 15.56
C PRO B 83 16.74 0.45 14.08
N ARG B 84 15.99 -0.29 13.27
CA ARG B 84 16.26 -0.35 11.85
C ARG B 84 16.10 1.03 11.22
N GLY B 85 17.00 1.35 10.30
CA GLY B 85 16.93 2.64 9.62
C GLY B 85 17.64 3.79 10.32
N THR B 86 18.08 3.56 11.55
CA THR B 86 18.76 4.61 12.33
C THR B 86 19.92 5.29 11.62
N MET B 87 20.92 4.51 11.21
CA MET B 87 22.07 5.10 10.53
C MET B 87 21.66 5.77 9.22
N GLN B 88 20.61 5.24 8.60
CA GLN B 88 20.12 5.80 7.35
C GLN B 88 19.44 7.15 7.58
N ARG B 89 18.60 7.25 8.60
CA ARG B 89 17.94 8.53 8.88
C ARG B 89 19.00 9.54 9.29
N ASN B 90 20.00 9.07 10.03
CA ASN B 90 21.08 9.94 10.47
C ASN B 90 21.89 10.46 9.30
N LEU B 91 22.08 9.62 8.28
CA LEU B 91 22.83 10.06 7.11
C LEU B 91 22.05 11.15 6.40
N ALA B 92 20.72 11.01 6.39
CA ALA B 92 19.86 12.00 5.76
C ALA B 92 19.96 13.34 6.49
N LEU B 93 20.01 13.29 7.82
CA LEU B 93 20.12 14.53 8.59
C LEU B 93 21.42 15.24 8.25
N ARG B 94 22.51 14.48 8.15
CA ARG B 94 23.81 15.07 7.82
C ARG B 94 23.78 15.66 6.41
N TRP B 95 23.16 14.94 5.48
CA TRP B 95 23.07 15.43 4.10
C TRP B 95 22.32 16.76 4.06
N LEU B 96 21.20 16.84 4.78
CA LEU B 96 20.41 18.07 4.83
C LEU B 96 21.25 19.24 5.33
N ARG B 97 22.07 19.00 6.35
CA ARG B 97 22.91 20.03 6.94
C ARG B 97 24.08 20.43 6.05
N GLU B 98 24.55 19.51 5.23
CA GLU B 98 25.66 19.79 4.33
C GLU B 98 25.14 20.42 3.04
N THR B 99 23.83 20.31 2.80
CA THR B 99 23.20 20.84 1.60
C THR B 99 22.53 22.21 1.76
N PHE B 100 21.95 22.45 2.92
CA PHE B 100 21.26 23.72 3.19
C PHE B 100 21.96 24.47 4.32
N PRO B 101 22.16 25.79 4.15
CA PRO B 101 22.82 26.61 5.16
C PRO B 101 21.93 26.85 6.39
N ARG B 102 22.55 26.98 7.56
CA ARG B 102 21.84 27.20 8.81
C ARG B 102 20.72 28.23 8.66
N ASN B 103 21.11 29.46 8.32
CA ASN B 103 20.12 30.54 8.15
C ASN B 103 19.69 30.64 6.68
N SER B 104 19.34 29.49 6.10
CA SER B 104 18.89 29.43 4.71
C SER B 104 17.61 30.22 4.50
N SER B 105 17.14 30.24 3.25
CA SER B 105 15.92 30.95 2.89
C SER B 105 14.81 30.03 2.40
N GLN B 106 15.17 29.00 1.64
CA GLN B 106 14.20 28.05 1.10
C GLN B 106 13.53 27.22 2.19
N PRO B 107 12.29 27.57 2.55
CA PRO B 107 11.52 26.86 3.58
C PRO B 107 11.32 25.37 3.33
N GLY B 108 11.41 24.59 4.40
CA GLY B 108 11.23 23.15 4.26
C GLY B 108 10.76 22.48 5.54
N VAL B 109 10.23 21.28 5.39
CA VAL B 109 9.75 20.46 6.50
C VAL B 109 10.35 19.07 6.31
N VAL B 110 10.80 18.45 7.39
CA VAL B 110 11.41 17.14 7.32
C VAL B 110 10.51 16.09 7.97
N TYR B 111 10.28 15.00 7.26
CA TYR B 111 9.43 13.92 7.75
C TYR B 111 10.11 12.57 7.54
N PHE B 112 10.20 11.78 8.60
CA PHE B 112 10.84 10.46 8.53
C PHE B 112 9.74 9.42 8.26
N ALA B 113 9.63 9.02 7.00
CA ALA B 113 8.59 8.08 6.56
C ALA B 113 9.13 6.73 6.07
N ASP B 114 8.93 5.69 6.88
CA ASP B 114 9.38 4.35 6.51
C ASP B 114 8.67 3.92 5.22
N ASP B 115 9.28 3.00 4.48
CA ASP B 115 8.70 2.59 3.21
C ASP B 115 7.47 1.68 3.28
N ASP B 116 7.12 1.22 4.48
CA ASP B 116 5.99 0.32 4.63
C ASP B 116 4.74 0.85 5.33
N ASN B 117 4.78 2.10 5.79
CA ASN B 117 3.60 2.69 6.43
C ASN B 117 2.61 3.09 5.33
N THR B 118 1.40 3.45 5.72
CA THR B 118 0.39 3.91 4.78
C THR B 118 0.14 5.39 5.07
N TYR B 119 0.25 6.22 4.06
CA TYR B 119 0.06 7.67 4.22
C TYR B 119 -1.10 8.26 3.43
N SER B 120 -1.94 9.04 4.09
CA SER B 120 -3.05 9.69 3.42
C SER B 120 -2.49 10.99 2.81
N LEU B 121 -3.14 11.50 1.77
CA LEU B 121 -2.66 12.73 1.16
C LEU B 121 -2.87 13.91 2.10
N GLU B 122 -3.91 13.84 2.93
CA GLU B 122 -4.20 14.92 3.86
C GLU B 122 -3.07 15.10 4.88
N LEU B 123 -2.36 14.02 5.18
CA LEU B 123 -1.24 14.08 6.13
C LEU B 123 -0.21 15.11 5.69
N PHE B 124 0.15 15.09 4.42
CA PHE B 124 1.15 16.01 3.90
C PHE B 124 0.67 17.45 3.91
N GLU B 125 -0.62 17.66 3.66
CA GLU B 125 -1.15 19.01 3.67
C GLU B 125 -1.07 19.55 5.09
N GLU B 126 -1.28 18.66 6.06
CA GLU B 126 -1.25 19.04 7.47
C GLU B 126 0.14 19.42 7.96
N MET B 127 1.15 18.65 7.58
CA MET B 127 2.52 18.91 8.04
C MET B 127 3.25 20.01 7.28
N ARG B 128 2.74 20.41 6.12
CA ARG B 128 3.45 21.42 5.34
C ARG B 128 3.63 22.79 6.01
N SER B 129 2.70 23.18 6.88
CA SER B 129 2.81 24.48 7.54
C SER B 129 3.56 24.45 8.87
N THR B 130 4.18 23.33 9.16
CA THR B 130 4.93 23.16 10.41
C THR B 130 5.92 24.31 10.66
N ARG B 131 5.76 24.99 11.79
CA ARG B 131 6.65 26.09 12.13
C ARG B 131 7.86 25.60 12.91
N ARG B 132 7.62 24.71 13.88
CA ARG B 132 8.70 24.14 14.68
C ARG B 132 8.63 22.63 14.56
N VAL B 133 7.75 21.99 15.33
CA VAL B 133 7.55 20.55 15.24
C VAL B 133 6.07 20.29 15.34
N SER B 134 5.54 19.46 14.46
CA SER B 134 4.12 19.12 14.44
C SER B 134 3.94 17.65 14.81
N VAL B 135 2.77 17.31 15.36
CA VAL B 135 2.50 15.94 15.76
C VAL B 135 1.06 15.52 15.48
N TRP B 136 0.83 14.22 15.37
CA TRP B 136 -0.49 13.67 15.11
C TRP B 136 -0.61 12.21 15.52
N PRO B 137 -1.84 11.68 15.56
CA PRO B 137 -2.04 10.28 15.95
C PRO B 137 -1.49 9.34 14.86
N VAL B 138 -1.05 8.15 15.28
CA VAL B 138 -0.54 7.15 14.34
C VAL B 138 -1.25 5.84 14.67
N ALA B 139 -1.82 5.20 13.66
CA ALA B 139 -2.53 3.94 13.88
C ALA B 139 -1.60 2.74 13.91
N PHE B 140 -2.01 1.73 14.68
CA PHE B 140 -1.28 0.47 14.80
C PHE B 140 0.14 0.53 15.35
N VAL B 141 0.33 1.26 16.43
CA VAL B 141 1.63 1.37 17.09
C VAL B 141 1.41 1.23 18.59
N GLY B 142 2.45 0.80 19.30
CA GLY B 142 2.34 0.65 20.74
C GLY B 142 1.31 -0.36 21.24
N GLY B 143 0.98 -1.33 20.40
CA GLY B 143 0.00 -2.34 20.78
C GLY B 143 -1.42 -1.80 20.89
N LEU B 144 -1.69 -0.68 20.23
CA LEU B 144 -3.01 -0.06 20.27
C LEU B 144 -3.58 0.20 18.88
N ARG B 145 -4.87 0.52 18.82
CA ARG B 145 -5.50 0.85 17.55
C ARG B 145 -4.77 2.10 17.03
N TYR B 146 -4.31 2.92 17.97
CA TYR B 146 -3.55 4.12 17.63
C TYR B 146 -3.05 4.83 18.88
N GLU B 147 -1.95 5.55 18.72
CA GLU B 147 -1.39 6.35 19.80
C GLU B 147 -1.69 7.77 19.37
N ALA B 148 -1.91 8.67 20.33
CA ALA B 148 -2.21 10.03 19.97
C ALA B 148 -1.70 10.99 21.04
N PRO B 149 -1.26 12.19 20.62
CA PRO B 149 -0.78 13.14 21.62
C PRO B 149 -2.02 13.63 22.38
N ARG B 150 -1.85 13.98 23.65
CA ARG B 150 -2.97 14.50 24.43
C ARG B 150 -2.92 16.01 24.28
N VAL B 151 -4.01 16.60 23.81
CA VAL B 151 -4.09 18.03 23.58
C VAL B 151 -5.22 18.64 24.42
N ASN B 152 -4.95 19.76 25.10
CA ASN B 152 -5.98 20.38 25.92
C ASN B 152 -6.90 21.28 25.09
N GLY B 153 -7.87 21.89 25.75
CA GLY B 153 -8.80 22.77 25.05
C GLY B 153 -8.13 23.96 24.41
N ALA B 154 -6.98 24.35 24.94
CA ALA B 154 -6.23 25.49 24.41
C ALA B 154 -5.50 25.12 23.12
N GLY B 155 -5.40 23.82 22.83
CA GLY B 155 -4.73 23.39 21.62
C GLY B 155 -3.25 23.09 21.81
N LYS B 156 -2.83 22.92 23.06
CA LYS B 156 -1.44 22.61 23.38
C LYS B 156 -1.30 21.14 23.72
N VAL B 157 -0.14 20.56 23.38
CA VAL B 157 0.12 19.18 23.71
C VAL B 157 0.57 19.17 25.16
N VAL B 158 -0.07 18.36 25.99
CA VAL B 158 0.28 18.30 27.42
C VAL B 158 0.66 16.89 27.88
N ARG B 159 0.53 15.91 26.99
CA ARG B 159 0.82 14.53 27.32
C ARG B 159 0.73 13.64 26.10
N TRP B 160 0.73 12.33 26.34
CA TRP B 160 0.64 11.34 25.27
C TRP B 160 -0.31 10.22 25.67
N LYS B 161 -1.26 9.91 24.78
CA LYS B 161 -2.21 8.83 25.04
C LYS B 161 -1.64 7.51 24.54
N THR B 162 -0.85 6.85 25.39
CA THR B 162 -0.25 5.57 25.03
C THR B 162 -0.26 4.66 26.25
N VAL B 163 0.04 3.37 26.03
CA VAL B 163 0.08 2.40 27.11
C VAL B 163 1.54 2.08 27.44
N PHE B 164 2.38 1.98 26.42
CA PHE B 164 3.78 1.69 26.62
C PHE B 164 4.53 2.98 26.99
N ASP B 165 5.16 2.98 28.17
CA ASP B 165 5.92 4.14 28.67
C ASP B 165 5.33 5.49 28.27
N PRO B 166 4.13 5.80 28.77
CA PRO B 166 3.44 7.07 28.46
C PRO B 166 4.17 8.31 28.97
N HIS B 167 5.19 8.11 29.82
CA HIS B 167 5.92 9.24 30.40
C HIS B 167 7.22 9.63 29.71
N ARG B 168 7.62 8.89 28.67
CA ARG B 168 8.84 9.24 27.95
C ARG B 168 8.69 10.66 27.42
N PRO B 169 9.80 11.37 27.21
CA PRO B 169 9.76 12.75 26.71
C PRO B 169 8.78 12.93 25.56
N PHE B 170 8.91 12.07 24.54
CA PHE B 170 8.03 12.13 23.39
C PHE B 170 7.57 10.72 23.04
N ALA B 171 6.42 10.34 23.59
CA ALA B 171 5.86 9.00 23.35
C ALA B 171 5.11 9.02 22.02
N ILE B 172 5.88 8.98 20.93
CA ILE B 172 5.28 9.01 19.61
C ILE B 172 6.15 8.30 18.58
N ASP B 173 5.50 7.67 17.61
CA ASP B 173 6.22 6.93 16.57
C ASP B 173 6.85 7.87 15.55
N MET B 174 7.88 7.36 14.88
CA MET B 174 8.61 8.08 13.84
C MET B 174 7.67 8.73 12.82
N ALA B 175 6.58 8.04 12.48
CA ALA B 175 5.63 8.54 11.50
C ALA B 175 4.64 9.57 12.05
N GLY B 176 4.75 9.89 13.34
CA GLY B 176 3.82 10.85 13.92
C GLY B 176 4.22 12.30 14.05
N PHE B 177 5.36 12.69 13.49
CA PHE B 177 5.79 14.08 13.61
C PHE B 177 6.62 14.53 12.42
N ALA B 178 6.72 15.85 12.26
CA ALA B 178 7.51 16.46 11.19
C ALA B 178 8.23 17.65 11.83
N VAL B 179 9.38 18.00 11.28
CA VAL B 179 10.18 19.09 11.84
C VAL B 179 10.52 20.16 10.81
N ASN B 180 10.36 21.44 11.17
CA ASN B 180 10.71 22.48 10.22
C ASN B 180 12.21 22.34 9.98
N LEU B 181 12.62 22.39 8.71
CA LEU B 181 14.03 22.24 8.36
C LEU B 181 14.93 23.20 9.14
N ARG B 182 14.45 24.40 9.43
CA ARG B 182 15.24 25.39 10.16
C ARG B 182 15.79 24.83 11.47
N LEU B 183 14.95 24.12 12.21
CA LEU B 183 15.38 23.53 13.48
C LEU B 183 16.45 22.48 13.28
N ILE B 184 16.32 21.68 12.22
CA ILE B 184 17.30 20.64 11.93
C ILE B 184 18.66 21.28 11.60
N LEU B 185 18.63 22.40 10.89
CA LEU B 185 19.86 23.07 10.53
C LEU B 185 20.51 23.77 11.72
N GLN B 186 19.69 24.37 12.57
CA GLN B 186 20.21 25.08 13.75
C GLN B 186 20.83 24.11 14.75
N ARG B 187 20.13 23.00 15.03
CA ARG B 187 20.63 22.00 15.97
C ARG B 187 21.46 21.00 15.17
N SER B 188 22.54 21.50 14.58
CA SER B 188 23.42 20.72 13.72
C SER B 188 24.06 19.44 14.27
N GLN B 189 24.07 19.29 15.60
CA GLN B 189 24.68 18.09 16.19
C GLN B 189 23.65 17.09 16.69
N ALA B 190 22.37 17.39 16.50
CA ALA B 190 21.31 16.51 16.97
C ALA B 190 21.02 15.38 15.98
N TYR B 191 21.23 14.15 16.41
CA TYR B 191 21.00 12.96 15.60
C TYR B 191 20.24 11.93 16.43
N PHE B 192 19.71 10.89 15.77
CA PHE B 192 19.02 9.85 16.49
C PHE B 192 20.08 9.04 17.24
N LYS B 193 19.85 8.81 18.52
CA LYS B 193 20.80 8.05 19.32
C LYS B 193 20.66 6.57 19.02
N LEU B 194 21.79 5.91 18.76
CA LEU B 194 21.76 4.48 18.48
C LEU B 194 22.50 3.73 19.58
N ARG B 195 23.14 4.49 20.47
CA ARG B 195 23.89 3.92 21.57
C ARG B 195 22.94 3.38 22.62
N GLY B 196 23.30 3.51 23.89
CA GLY B 196 22.45 3.02 24.96
C GLY B 196 21.13 3.77 25.01
N VAL B 197 20.13 3.26 24.30
CA VAL B 197 18.82 3.90 24.27
C VAL B 197 17.70 2.87 24.44
N LYS B 198 16.89 3.07 25.47
CA LYS B 198 15.78 2.18 25.77
C LYS B 198 14.83 2.08 24.58
N GLY B 199 14.07 0.99 24.52
CA GLY B 199 13.13 0.80 23.44
C GLY B 199 12.06 1.88 23.41
N GLY B 200 11.74 2.37 22.22
CA GLY B 200 10.73 3.39 22.09
C GLY B 200 11.21 4.77 22.55
N TYR B 201 12.50 4.92 22.77
CA TYR B 201 13.06 6.18 23.21
C TYR B 201 13.88 6.90 22.15
N GLN B 202 14.06 6.28 21.00
CA GLN B 202 14.85 6.91 19.94
C GLN B 202 14.25 8.21 19.43
N GLU B 203 12.94 8.26 19.27
CA GLU B 203 12.31 9.49 18.79
C GLU B 203 12.60 10.63 19.78
N SER B 204 12.56 10.30 21.07
CA SER B 204 12.84 11.29 22.11
C SER B 204 14.27 11.78 22.05
N SER B 205 15.21 10.87 21.75
CA SER B 205 16.61 11.24 21.70
C SER B 205 16.87 12.40 20.74
N LEU B 206 16.03 12.54 19.72
CA LEU B 206 16.20 13.64 18.76
C LEU B 206 15.31 14.83 19.10
N LEU B 207 14.02 14.56 19.28
CA LEU B 207 13.05 15.63 19.58
C LEU B 207 13.38 16.45 20.81
N ARG B 208 13.90 15.79 21.84
CA ARG B 208 14.25 16.47 23.10
C ARG B 208 15.27 17.59 22.85
N GLU B 209 16.11 17.38 21.85
CA GLU B 209 17.15 18.37 21.51
C GLU B 209 16.61 19.49 20.62
N LEU B 210 15.48 19.25 19.98
CA LEU B 210 14.91 20.21 19.04
C LEU B 210 13.75 21.07 19.52
N VAL B 211 12.92 20.53 20.39
CA VAL B 211 11.73 21.25 20.80
C VAL B 211 11.21 20.84 22.16
N THR B 212 10.35 21.68 22.75
CA THR B 212 9.76 21.36 24.03
C THR B 212 8.28 21.05 23.80
N LEU B 213 7.72 20.20 24.65
CA LEU B 213 6.33 19.78 24.55
C LEU B 213 5.35 20.90 24.22
N ASN B 214 5.41 22.00 24.96
CA ASN B 214 4.48 23.10 24.74
C ASN B 214 4.59 23.81 23.40
N ASP B 215 5.68 23.58 22.66
CA ASP B 215 5.85 24.21 21.35
C ASP B 215 5.42 23.30 20.20
N LEU B 216 4.95 22.10 20.53
CA LEU B 216 4.50 21.16 19.50
C LEU B 216 3.22 21.68 18.88
N GLU B 217 3.05 21.44 17.58
CA GLU B 217 1.88 21.89 16.85
C GLU B 217 0.96 20.70 16.51
N PRO B 218 -0.14 20.53 17.26
CA PRO B 218 -1.06 19.43 17.00
C PRO B 218 -1.81 19.53 15.68
N LYS B 219 -1.78 18.46 14.91
CA LYS B 219 -2.46 18.42 13.61
C LYS B 219 -3.59 17.40 13.67
N ALA B 220 -4.26 17.20 12.55
CA ALA B 220 -5.35 16.23 12.47
C ALA B 220 -6.49 16.59 13.43
N ALA B 221 -7.01 17.82 13.30
CA ALA B 221 -8.10 18.29 14.14
C ALA B 221 -7.81 18.11 15.63
N ASN B 222 -6.71 18.71 16.08
CA ASN B 222 -6.27 18.61 17.47
C ASN B 222 -6.08 17.16 17.89
N CYS B 223 -5.45 16.40 16.99
CA CYS B 223 -5.15 14.99 17.23
C CYS B 223 -6.34 14.10 17.54
N THR B 224 -7.41 14.24 16.75
CA THR B 224 -8.59 13.42 16.93
C THR B 224 -8.82 12.53 15.70
N LYS B 225 -8.01 12.71 14.67
CA LYS B 225 -8.15 11.94 13.44
C LYS B 225 -6.88 11.15 13.11
N ILE B 226 -7.06 10.01 12.43
CA ILE B 226 -5.92 9.17 12.04
C ILE B 226 -5.66 9.34 10.55
N LEU B 227 -4.53 9.94 10.23
CA LEU B 227 -4.15 10.22 8.84
C LEU B 227 -2.98 9.37 8.34
N VAL B 228 -2.42 8.54 9.20
CA VAL B 228 -1.29 7.69 8.83
C VAL B 228 -1.40 6.39 9.60
N TRP B 229 -1.08 5.27 8.95
CA TRP B 229 -1.19 3.96 9.58
C TRP B 229 0.11 3.17 9.51
N HIS B 230 0.50 2.58 10.64
CA HIS B 230 1.71 1.79 10.72
C HIS B 230 1.44 0.36 10.27
N THR B 231 1.25 0.20 8.96
CA THR B 231 1.00 -1.09 8.35
C THR B 231 2.28 -1.88 8.22
N ARG B 232 2.17 -3.19 8.41
CA ARG B 232 3.30 -4.12 8.31
C ARG B 232 2.95 -5.11 7.20
N THR B 233 3.94 -5.46 6.38
CA THR B 233 3.70 -6.41 5.30
C THR B 233 4.24 -7.79 5.63
N GLU B 234 3.41 -8.81 5.45
CA GLU B 234 3.81 -10.18 5.73
C GLU B 234 4.95 -10.64 4.83
N LYS B 235 5.83 -11.46 5.38
CA LYS B 235 6.95 -12.01 4.63
C LYS B 235 6.37 -13.03 3.65
N PRO B 236 6.67 -12.88 2.35
CA PRO B 236 6.12 -13.84 1.39
C PRO B 236 6.67 -15.26 1.55
N VAL B 237 5.85 -16.25 1.24
CA VAL B 237 6.25 -17.65 1.33
C VAL B 237 6.92 -18.04 0.02
N LEU B 238 8.19 -18.41 0.07
CA LEU B 238 8.93 -18.78 -1.12
C LEU B 238 9.40 -20.23 -1.09
N VAL B 239 8.68 -21.06 -0.35
CA VAL B 239 9.06 -22.47 -0.22
C VAL B 239 9.13 -23.24 -1.54
N ASN B 240 8.27 -22.92 -2.49
CA ASN B 240 8.29 -23.64 -3.75
C ASN B 240 9.46 -23.32 -4.66
N GLU B 241 10.28 -22.35 -4.27
CA GLU B 241 11.46 -21.99 -5.07
C GLU B 241 12.50 -23.10 -4.93
N GLY B 242 12.47 -23.79 -3.79
CA GLY B 242 13.41 -24.87 -3.55
C GLY B 242 14.80 -24.35 -3.24
N LYS B 243 15.76 -25.26 -3.14
CA LYS B 243 17.14 -24.90 -2.83
C LYS B 243 17.85 -24.39 -4.08
N LYS B 244 17.42 -24.88 -5.24
CA LYS B 244 18.03 -24.50 -6.51
C LYS B 244 17.33 -23.28 -7.13
N GLY B 245 16.08 -23.04 -6.74
CA GLY B 245 15.34 -21.92 -7.28
C GLY B 245 14.54 -22.35 -8.49
N PHE B 246 13.32 -21.81 -8.61
CA PHE B 246 12.45 -22.16 -9.73
C PHE B 246 12.31 -21.00 -10.72
N THR B 247 12.04 -19.81 -10.21
CA THR B 247 11.89 -18.63 -11.07
C THR B 247 13.23 -18.14 -11.57
N ASP B 248 13.19 -17.16 -12.48
CA ASP B 248 14.41 -16.60 -13.05
C ASP B 248 14.94 -15.53 -12.10
N PRO B 249 16.15 -15.73 -11.57
CA PRO B 249 16.75 -14.76 -10.63
C PRO B 249 16.99 -13.38 -11.25
N SER B 250 17.03 -13.32 -12.58
CA SER B 250 17.27 -12.06 -13.27
C SER B 250 15.98 -11.25 -13.46
N VAL B 251 14.84 -11.85 -13.16
CA VAL B 251 13.56 -11.14 -13.28
C VAL B 251 13.36 -10.43 -11.95
N GLU B 252 13.27 -9.10 -12.01
CA GLU B 252 13.13 -8.28 -10.81
C GLU B 252 11.72 -8.20 -10.21
N ILE B 253 11.63 -8.39 -8.90
CA ILE B 253 10.36 -8.30 -8.19
C ILE B 253 10.48 -7.28 -7.05
#